data_7BGQ
#
_entry.id   7BGQ
#
_cell.length_a   82.300
_cell.length_b   111.928
_cell.length_c   62.427
_cell.angle_alpha   90.000
_cell.angle_beta   90.000
_cell.angle_gamma   90.000
#
_symmetry.space_group_name_H-M   'C 2 2 21'
#
loop_
_entity.id
_entity.type
_entity.pdbx_description
1 polymer '14-3-3 protein sigma'
2 polymer 'Peptidyl-prolyl cis-trans isomerase NIMA-interacting 1'
3 non-polymer 2-methoxy-4-(2-phenylimidazol-1-yl)benzaldehyde
4 non-polymer 'CALCIUM ION'
5 non-polymer 'CHLORIDE ION'
6 water water
#
loop_
_entity_poly.entity_id
_entity_poly.type
_entity_poly.pdbx_seq_one_letter_code
_entity_poly.pdbx_strand_id
1 'polypeptide(L)'
;GAMGSMERASLIQKAKLAEQAERYEDMAAFMKGAVEKGEELS(CSO)EERNLLSVAYKNVVGGQRAAWRVLSSIEQKSNE
EGSEEKGPEVREYREKVETELQGVCDTVLGLLDSHLIKEAGDAESRVFYLKMKGDYYRYLAEVATGDDKKRIIDSARSAY
QEAMDISKKEMPPTNPIRLGLALNFSVFHYEIANSPEEAISLAKTTFDEAMADLHTLSEDSYKDSTLIMQLLRDNLTLWT
ADNAGEEGGEAPQEPQS
;
A
2 'polypeptide(L)' LVKHSQSRRPS(SEP)WRQEK P
#
# COMPACT_ATOMS: atom_id res chain seq x y z
N ALA A 2 -8.69 4.87 -21.73
CA ALA A 2 -9.22 6.23 -21.79
C ALA A 2 -8.11 7.23 -22.09
N MET A 3 -6.89 6.91 -21.65
CA MET A 3 -5.75 7.80 -21.77
C MET A 3 -4.83 7.41 -22.93
N GLY A 4 -5.28 6.51 -23.80
CA GLY A 4 -4.42 6.00 -24.85
C GLY A 4 -3.92 7.05 -25.83
N SER A 5 -4.65 8.14 -25.99
CA SER A 5 -4.24 9.15 -26.95
C SER A 5 -3.34 10.23 -26.35
N MET A 6 -3.10 10.23 -25.04
CA MET A 6 -2.24 11.25 -24.45
C MET A 6 -0.80 10.75 -24.34
N GLU A 7 0.14 11.66 -24.60
CA GLU A 7 1.56 11.36 -24.45
C GLU A 7 1.88 10.91 -23.03
N ARG A 8 2.83 9.97 -22.91
CA ARG A 8 3.29 9.52 -21.60
C ARG A 8 3.75 10.70 -20.75
N ALA A 9 4.57 11.59 -21.31
CA ALA A 9 5.10 12.70 -20.51
C ALA A 9 3.97 13.63 -20.06
N SER A 10 2.95 13.81 -20.90
CA SER A 10 1.81 14.67 -20.55
C SER A 10 0.98 14.04 -19.43
N LEU A 11 0.81 12.72 -19.46
CA LEU A 11 0.14 12.02 -18.37
C LEU A 11 0.89 12.21 -17.05
N ILE A 12 2.22 12.12 -17.08
CA ILE A 12 3.00 12.29 -15.86
C ILE A 12 2.88 13.73 -15.36
N GLN A 13 3.02 14.70 -16.28
CA GLN A 13 2.87 16.10 -15.91
C GLN A 13 1.49 16.35 -15.29
N LYS A 14 0.43 15.80 -15.88
CA LYS A 14 -0.91 16.01 -15.35
C LYS A 14 -1.13 15.26 -14.03
N ALA A 15 -0.49 14.11 -13.84
CA ALA A 15 -0.57 13.46 -12.52
C ALA A 15 -0.01 14.37 -11.44
N LYS A 16 1.10 15.06 -11.73
CA LYS A 16 1.67 15.97 -10.75
C LYS A 16 0.76 17.15 -10.48
N LEU A 17 0.13 17.68 -11.53
CA LEU A 17 -0.85 18.76 -11.35
C LEU A 17 -2.04 18.29 -10.53
N ALA A 18 -2.53 17.08 -10.81
CA ALA A 18 -3.67 16.55 -10.05
C ALA A 18 -3.31 16.40 -8.58
N GLU A 19 -2.09 15.95 -8.29
CA GLU A 19 -1.64 15.86 -6.90
C GLU A 19 -1.68 17.23 -6.22
N GLN A 20 -1.19 18.27 -6.92
CA GLN A 20 -1.21 19.61 -6.35
C GLN A 20 -2.63 20.09 -6.09
N ALA A 21 -3.55 19.71 -6.97
CA ALA A 21 -4.96 20.07 -6.84
C ALA A 21 -5.73 19.13 -5.92
N GLU A 22 -5.05 18.13 -5.34
CA GLU A 22 -5.68 17.10 -4.51
C GLU A 22 -6.82 16.39 -5.25
N ARG A 23 -6.61 16.14 -6.54
CA ARG A 23 -7.57 15.43 -7.38
C ARG A 23 -7.04 14.03 -7.61
N TYR A 24 -7.18 13.17 -6.60
CA TYR A 24 -6.47 11.90 -6.62
C TYR A 24 -7.09 10.88 -7.56
N GLU A 25 -8.40 10.95 -7.81
N GLU A 25 -8.40 10.95 -7.80
CA GLU A 25 -9.00 10.08 -8.82
CA GLU A 25 -9.00 10.09 -8.81
C GLU A 25 -8.42 10.40 -10.20
C GLU A 25 -8.43 10.40 -10.19
N ASP A 26 -8.34 11.69 -10.54
CA ASP A 26 -7.69 12.08 -11.78
C ASP A 26 -6.24 11.61 -11.79
N MET A 27 -5.53 11.83 -10.68
CA MET A 27 -4.14 11.44 -10.59
C MET A 27 -3.95 9.96 -10.88
N ALA A 28 -4.84 9.12 -10.32
CA ALA A 28 -4.75 7.68 -10.55
C ALA A 28 -5.02 7.33 -12.00
N ALA A 29 -6.01 7.97 -12.61
CA ALA A 29 -6.30 7.69 -14.00
C ALA A 29 -5.14 8.09 -14.91
N PHE A 30 -4.51 9.24 -14.62
CA PHE A 30 -3.33 9.64 -15.39
C PHE A 30 -2.20 8.62 -15.22
N MET A 31 -1.94 8.20 -13.99
CA MET A 31 -0.83 7.25 -13.78
C MET A 31 -1.16 5.87 -14.33
N LYS A 32 -2.44 5.45 -14.29
CA LYS A 32 -2.82 4.22 -14.97
C LYS A 32 -2.52 4.31 -16.46
N GLY A 33 -2.88 5.44 -17.08
CA GLY A 33 -2.54 5.65 -18.48
C GLY A 33 -1.05 5.60 -18.74
N ALA A 34 -0.25 6.21 -17.85
CA ALA A 34 1.20 6.18 -18.02
C ALA A 34 1.75 4.76 -17.94
N VAL A 35 1.27 3.97 -16.97
CA VAL A 35 1.69 2.57 -16.87
C VAL A 35 1.36 1.83 -18.15
N GLU A 36 0.14 2.03 -18.67
CA GLU A 36 -0.32 1.29 -19.84
C GLU A 36 0.44 1.66 -21.11
N LYS A 37 1.29 2.70 -21.07
CA LYS A 37 2.20 2.94 -22.18
C LYS A 37 3.20 1.79 -22.35
N GLY A 38 3.40 0.99 -21.32
CA GLY A 38 4.23 -0.21 -21.43
C GLY A 38 5.69 -0.04 -21.06
N GLU A 39 6.15 1.18 -20.80
CA GLU A 39 7.52 1.40 -20.35
C GLU A 39 7.61 1.24 -18.83
N GLU A 40 8.79 0.87 -18.36
CA GLU A 40 9.02 0.82 -16.92
C GLU A 40 8.85 2.22 -16.32
N LEU A 41 8.59 2.25 -15.01
CA LEU A 41 8.41 3.51 -14.29
C LEU A 41 9.69 3.87 -13.55
N SER A 42 10.01 5.16 -13.55
CA SER A 42 11.12 5.67 -12.74
C SER A 42 10.76 5.67 -11.26
N GLU A 44 10.53 8.24 -9.27
CA GLU A 44 9.55 9.31 -9.03
C GLU A 44 8.16 8.90 -9.55
N GLU A 45 8.13 8.25 -10.71
CA GLU A 45 6.86 7.80 -11.29
C GLU A 45 6.21 6.72 -10.45
N ARG A 46 7.00 5.78 -9.90
CA ARG A 46 6.43 4.79 -9.01
C ARG A 46 5.78 5.46 -7.80
N ASN A 47 6.44 6.49 -7.26
N ASN A 47 6.42 6.50 -7.27
CA ASN A 47 5.85 7.21 -6.13
CA ASN A 47 5.85 7.19 -6.12
C ASN A 47 4.51 7.82 -6.52
C ASN A 47 4.53 7.87 -6.49
N LEU A 48 4.45 8.45 -7.70
CA LEU A 48 3.20 9.07 -8.13
C LEU A 48 2.09 8.04 -8.24
N LEU A 49 2.39 6.88 -8.81
CA LEU A 49 1.41 5.81 -8.91
C LEU A 49 0.89 5.42 -7.53
N SER A 50 1.82 5.21 -6.60
CA SER A 50 1.45 4.80 -5.25
C SER A 50 0.63 5.86 -4.53
N VAL A 51 1.09 7.12 -4.56
CA VAL A 51 0.36 8.21 -3.91
C VAL A 51 -1.07 8.29 -4.43
N ALA A 52 -1.24 8.19 -5.75
CA ALA A 52 -2.56 8.35 -6.34
C ALA A 52 -3.51 7.29 -5.82
N TYR A 53 -3.13 6.03 -5.96
CA TYR A 53 -4.06 4.98 -5.58
C TYR A 53 -4.19 4.84 -4.08
N LYS A 54 -3.14 5.18 -3.32
CA LYS A 54 -3.26 5.11 -1.87
C LYS A 54 -4.31 6.10 -1.37
N ASN A 55 -4.37 7.29 -1.99
CA ASN A 55 -5.34 8.28 -1.57
C ASN A 55 -6.75 7.89 -2.00
N VAL A 56 -6.90 7.33 -3.21
CA VAL A 56 -8.23 6.92 -3.66
C VAL A 56 -8.77 5.83 -2.78
N VAL A 57 -8.00 4.75 -2.61
N VAL A 57 -8.02 4.73 -2.63
CA VAL A 57 -8.48 3.62 -1.81
CA VAL A 57 -8.48 3.62 -1.79
C VAL A 57 -8.57 4.01 -0.34
C VAL A 57 -8.61 4.06 -0.35
N GLY A 58 -7.75 4.98 0.11
CA GLY A 58 -7.84 5.42 1.48
C GLY A 58 -9.17 6.06 1.79
N GLY A 59 -9.66 6.90 0.89
CA GLY A 59 -10.99 7.45 1.05
C GLY A 59 -12.08 6.39 1.04
N GLN A 60 -11.93 5.39 0.16
CA GLN A 60 -12.92 4.32 0.11
C GLN A 60 -12.89 3.49 1.39
N ARG A 61 -11.69 3.22 1.91
CA ARG A 61 -11.59 2.45 3.14
C ARG A 61 -12.22 3.20 4.31
N ALA A 62 -11.96 4.50 4.39
CA ALA A 62 -12.54 5.28 5.48
C ALA A 62 -14.05 5.28 5.40
N ALA A 63 -14.59 5.42 4.19
CA ALA A 63 -16.04 5.38 4.02
C ALA A 63 -16.61 4.02 4.37
N TRP A 64 -15.96 2.95 3.88
CA TRP A 64 -16.41 1.59 4.19
C TRP A 64 -16.45 1.36 5.71
N ARG A 65 -15.46 1.87 6.43
CA ARG A 65 -15.45 1.68 7.89
C ARG A 65 -16.60 2.41 8.55
N VAL A 66 -16.89 3.65 8.13
CA VAL A 66 -18.05 4.37 8.64
C VAL A 66 -19.32 3.54 8.42
N LEU A 67 -19.51 3.07 7.19
CA LEU A 67 -20.74 2.36 6.84
C LEU A 67 -20.81 0.99 7.53
N SER A 68 -19.69 0.28 7.61
N SER A 68 -19.69 0.28 7.61
CA SER A 68 -19.68 -1.02 8.29
CA SER A 68 -19.69 -1.01 8.29
C SER A 68 -20.04 -0.86 9.76
C SER A 68 -20.05 -0.85 9.76
N SER A 69 -19.57 0.22 10.39
CA SER A 69 -19.88 0.48 11.79
C SER A 69 -21.36 0.79 11.96
N ILE A 70 -21.92 1.59 11.06
CA ILE A 70 -23.36 1.85 11.10
C ILE A 70 -24.14 0.56 10.91
N GLU A 71 -23.69 -0.27 9.98
CA GLU A 71 -24.39 -1.53 9.68
C GLU A 71 -24.34 -2.47 10.86
N GLN A 72 -23.22 -2.50 11.58
CA GLN A 72 -23.11 -3.38 12.75
C GLN A 72 -24.06 -2.95 13.86
N LYS A 73 -24.16 -1.65 14.13
CA LYS A 73 -25.15 -1.19 15.10
C LYS A 73 -26.57 -1.53 14.67
N SER A 74 -26.87 -1.47 13.37
CA SER A 74 -28.21 -1.75 12.89
C SER A 74 -28.63 -3.20 13.12
N ASN A 75 -27.71 -4.15 13.08
CA ASN A 75 -28.09 -5.56 13.25
C ASN A 75 -27.45 -6.21 14.47
N GLY A 83 -34.26 -1.42 7.24
CA GLY A 83 -34.31 -1.78 5.83
C GLY A 83 -32.97 -2.18 5.26
N PRO A 84 -32.92 -2.42 3.94
CA PRO A 84 -31.69 -2.91 3.32
C PRO A 84 -30.69 -1.82 2.95
N GLU A 85 -31.00 -0.56 3.24
CA GLU A 85 -30.26 0.55 2.63
C GLU A 85 -28.82 0.63 3.12
N VAL A 86 -28.60 0.43 4.42
N VAL A 86 -28.60 0.45 4.43
CA VAL A 86 -27.23 0.56 4.94
CA VAL A 86 -27.24 0.54 4.94
C VAL A 86 -26.36 -0.56 4.39
C VAL A 86 -26.37 -0.56 4.34
N ARG A 87 -26.88 -1.80 4.34
CA ARG A 87 -26.14 -2.89 3.72
C ARG A 87 -25.91 -2.64 2.24
N GLU A 88 -26.95 -2.18 1.53
CA GLU A 88 -26.82 -1.92 0.10
C GLU A 88 -25.73 -0.90 -0.18
N TYR A 89 -25.70 0.18 0.61
CA TYR A 89 -24.76 1.25 0.33
C TYR A 89 -23.35 0.85 0.75
N ARG A 90 -23.21 0.12 1.86
CA ARG A 90 -21.91 -0.45 2.20
C ARG A 90 -21.40 -1.36 1.08
N GLU A 91 -22.29 -2.19 0.52
CA GLU A 91 -21.91 -3.06 -0.58
C GLU A 91 -21.47 -2.27 -1.80
N LYS A 92 -22.14 -1.15 -2.07
CA LYS A 92 -21.77 -0.32 -3.22
C LYS A 92 -20.35 0.21 -3.06
N VAL A 93 -20.07 0.80 -1.89
CA VAL A 93 -18.73 1.32 -1.63
C VAL A 93 -17.71 0.19 -1.64
N GLU A 94 -18.07 -0.95 -1.05
CA GLU A 94 -17.18 -2.11 -1.03
C GLU A 94 -16.84 -2.59 -2.45
N THR A 95 -17.84 -2.64 -3.33
CA THR A 95 -17.60 -3.07 -4.71
C THR A 95 -16.70 -2.09 -5.44
N GLU A 96 -16.90 -0.79 -5.19
N GLU A 96 -16.88 -0.79 -5.19
CA GLU A 96 -16.04 0.20 -5.84
CA GLU A 96 -16.05 0.21 -5.83
C GLU A 96 -14.60 0.09 -5.33
C GLU A 96 -14.61 0.11 -5.33
N LEU A 97 -14.44 -0.13 -4.03
CA LEU A 97 -13.10 -0.35 -3.46
C LEU A 97 -12.44 -1.59 -4.07
N GLN A 98 -13.17 -2.69 -4.15
CA GLN A 98 -12.61 -3.90 -4.74
C GLN A 98 -12.22 -3.64 -6.18
N GLY A 99 -13.00 -2.82 -6.90
CA GLY A 99 -12.67 -2.52 -8.27
C GLY A 99 -11.35 -1.77 -8.39
N VAL A 100 -11.11 -0.81 -7.50
CA VAL A 100 -9.85 -0.07 -7.52
C VAL A 100 -8.69 -0.99 -7.17
N CYS A 101 -8.85 -1.85 -6.16
CA CYS A 101 -7.79 -2.78 -5.83
C CYS A 101 -7.48 -3.72 -7.00
N ASP A 102 -8.53 -4.21 -7.67
CA ASP A 102 -8.31 -5.09 -8.81
C ASP A 102 -7.58 -4.37 -9.93
N THR A 103 -7.89 -3.09 -10.13
CA THR A 103 -7.21 -2.31 -11.15
C THR A 103 -5.72 -2.20 -10.86
N VAL A 104 -5.38 -1.86 -9.62
CA VAL A 104 -3.97 -1.74 -9.23
C VAL A 104 -3.26 -3.08 -9.39
N LEU A 105 -3.88 -4.15 -8.84
CA LEU A 105 -3.28 -5.47 -8.96
C LEU A 105 -3.11 -5.86 -10.42
N GLY A 106 -4.04 -5.45 -11.28
CA GLY A 106 -3.91 -5.75 -12.69
C GLY A 106 -2.74 -5.02 -13.33
N LEU A 107 -2.48 -3.78 -12.90
CA LEU A 107 -1.31 -3.07 -13.43
C LEU A 107 -0.02 -3.72 -12.97
N LEU A 108 0.02 -4.16 -11.70
CA LEU A 108 1.21 -4.85 -11.21
C LEU A 108 1.45 -6.15 -11.97
N ASP A 109 0.38 -6.88 -12.27
CA ASP A 109 0.52 -8.16 -12.96
C ASP A 109 0.70 -8.02 -14.46
N SER A 110 0.33 -6.87 -15.04
CA SER A 110 0.40 -6.67 -16.49
C SER A 110 0.93 -5.26 -16.78
N HIS A 111 2.24 -5.05 -16.70
CA HIS A 111 3.28 -6.06 -16.49
C HIS A 111 4.39 -5.50 -15.62
N LEU A 112 4.03 -4.67 -14.62
CA LEU A 112 5.04 -3.95 -13.86
C LEU A 112 6.00 -4.91 -13.13
N ILE A 113 5.47 -5.92 -12.46
CA ILE A 113 6.33 -6.76 -11.63
C ILE A 113 7.28 -7.59 -12.49
N LYS A 114 6.76 -8.20 -13.56
CA LYS A 114 7.62 -9.07 -14.34
C LYS A 114 8.75 -8.31 -15.02
N GLU A 115 8.58 -7.02 -15.28
CA GLU A 115 9.66 -6.24 -15.88
C GLU A 115 10.57 -5.57 -14.86
N ALA A 116 10.28 -5.72 -13.57
CA ALA A 116 11.03 -5.03 -12.51
C ALA A 116 12.21 -5.89 -12.08
N GLY A 117 13.41 -5.51 -12.49
CA GLY A 117 14.60 -6.30 -12.21
C GLY A 117 15.43 -5.79 -11.04
N ASP A 118 15.43 -4.47 -10.86
CA ASP A 118 16.19 -3.88 -9.77
C ASP A 118 15.46 -4.06 -8.45
N ALA A 119 16.24 -4.19 -7.37
CA ALA A 119 15.63 -4.40 -6.06
C ALA A 119 14.66 -3.28 -5.70
N GLU A 120 15.03 -2.01 -5.99
CA GLU A 120 14.17 -0.90 -5.58
C GLU A 120 12.82 -0.95 -6.28
N SER A 121 12.80 -1.30 -7.57
CA SER A 121 11.50 -1.38 -8.24
C SER A 121 10.74 -2.65 -7.87
N ARG A 122 11.42 -3.79 -7.81
CA ARG A 122 10.72 -5.04 -7.54
C ARG A 122 10.12 -5.05 -6.14
N VAL A 123 10.90 -4.62 -5.14
CA VAL A 123 10.38 -4.55 -3.77
C VAL A 123 9.21 -3.58 -3.69
N PHE A 124 9.32 -2.42 -4.38
CA PHE A 124 8.26 -1.44 -4.37
C PHE A 124 6.95 -2.04 -4.88
N TYR A 125 7.00 -2.73 -6.03
CA TYR A 125 5.78 -3.26 -6.61
C TYR A 125 5.24 -4.42 -5.78
N LEU A 126 6.12 -5.24 -5.19
CA LEU A 126 5.62 -6.35 -4.38
C LEU A 126 4.99 -5.85 -3.09
N LYS A 127 5.56 -4.80 -2.48
CA LYS A 127 4.90 -4.13 -1.36
C LYS A 127 3.51 -3.64 -1.77
N MET A 128 3.39 -3.00 -2.94
CA MET A 128 2.08 -2.57 -3.41
C MET A 128 1.12 -3.75 -3.54
N LYS A 129 1.60 -4.86 -4.11
CA LYS A 129 0.74 -6.02 -4.27
C LYS A 129 0.26 -6.52 -2.91
N GLY A 130 1.15 -6.57 -1.93
CA GLY A 130 0.74 -6.93 -0.58
C GLY A 130 -0.29 -5.96 -0.01
N ASP A 131 -0.07 -4.65 -0.19
CA ASP A 131 -0.99 -3.64 0.32
C ASP A 131 -2.39 -3.81 -0.27
N TYR A 132 -2.49 -3.98 -1.60
CA TYR A 132 -3.82 -3.99 -2.18
C TYR A 132 -4.54 -5.32 -1.94
N TYR A 133 -3.81 -6.42 -1.79
CA TYR A 133 -4.46 -7.62 -1.29
C TYR A 133 -4.89 -7.46 0.17
N ARG A 134 -4.09 -6.73 0.96
CA ARG A 134 -4.49 -6.43 2.33
C ARG A 134 -5.79 -5.63 2.37
N TYR A 135 -5.94 -4.64 1.48
CA TYR A 135 -7.19 -3.89 1.46
C TYR A 135 -8.36 -4.76 1.04
N LEU A 136 -8.15 -5.66 0.06
CA LEU A 136 -9.16 -6.65 -0.25
C LEU A 136 -9.49 -7.52 0.95
N ALA A 137 -8.46 -7.93 1.70
CA ALA A 137 -8.70 -8.77 2.88
C ALA A 137 -9.52 -8.04 3.94
N GLU A 138 -9.39 -6.72 4.05
CA GLU A 138 -10.11 -5.99 5.08
C GLU A 138 -11.63 -6.13 4.93
N VAL A 139 -12.12 -6.28 3.70
CA VAL A 139 -13.55 -6.37 3.43
C VAL A 139 -13.99 -7.78 3.04
N ALA A 140 -13.07 -8.75 2.98
CA ALA A 140 -13.40 -10.08 2.51
C ALA A 140 -14.16 -10.86 3.58
N THR A 141 -15.14 -11.67 3.14
CA THR A 141 -16.00 -12.47 4.02
C THR A 141 -16.43 -13.79 3.41
N GLY A 142 -15.98 -14.13 2.20
CA GLY A 142 -16.49 -15.31 1.52
C GLY A 142 -15.52 -16.46 1.39
N ASP A 143 -15.69 -17.26 0.33
CA ASP A 143 -14.91 -18.49 0.17
C ASP A 143 -13.44 -18.22 -0.08
N ASP A 144 -13.09 -17.04 -0.63
CA ASP A 144 -11.73 -16.78 -1.08
C ASP A 144 -10.94 -15.91 -0.11
N LYS A 145 -11.50 -15.62 1.08
CA LYS A 145 -10.83 -14.71 2.02
C LYS A 145 -9.49 -15.26 2.49
N LYS A 146 -9.41 -16.56 2.74
CA LYS A 146 -8.12 -17.12 3.15
C LYS A 146 -7.12 -17.00 2.01
N ARG A 147 -7.57 -17.18 0.77
CA ARG A 147 -6.65 -17.07 -0.35
C ARG A 147 -6.21 -15.63 -0.54
N ILE A 148 -7.11 -14.68 -0.31
CA ILE A 148 -6.74 -13.26 -0.39
C ILE A 148 -5.67 -12.94 0.65
N ILE A 149 -5.84 -13.42 1.87
CA ILE A 149 -4.86 -13.20 2.93
C ILE A 149 -3.53 -13.81 2.55
N ASP A 150 -3.55 -15.03 2.02
CA ASP A 150 -2.29 -15.66 1.65
C ASP A 150 -1.64 -14.96 0.47
N SER A 151 -2.44 -14.37 -0.42
CA SER A 151 -1.86 -13.61 -1.52
C SER A 151 -1.14 -12.37 -1.00
N ALA A 152 -1.74 -11.67 -0.02
CA ALA A 152 -1.03 -10.56 0.60
C ALA A 152 0.25 -11.04 1.26
N ARG A 153 0.16 -12.10 2.07
N ARG A 153 0.16 -12.10 2.07
CA ARG A 153 1.32 -12.64 2.76
CA ARG A 153 1.34 -12.63 2.76
C ARG A 153 2.45 -12.99 1.79
C ARG A 153 2.45 -12.98 1.79
N SER A 154 2.10 -13.68 0.70
CA SER A 154 3.12 -14.14 -0.24
C SER A 154 3.83 -12.96 -0.90
N ALA A 155 3.09 -11.93 -1.29
CA ALA A 155 3.70 -10.75 -1.90
C ALA A 155 4.62 -10.02 -0.92
N TYR A 156 4.12 -9.78 0.30
CA TYR A 156 4.95 -9.16 1.34
C TYR A 156 6.20 -9.98 1.60
N GLN A 157 6.06 -11.31 1.67
CA GLN A 157 7.18 -12.17 2.01
C GLN A 157 8.26 -12.13 0.94
N GLU A 158 7.87 -12.19 -0.34
CA GLU A 158 8.86 -12.07 -1.40
C GLU A 158 9.57 -10.71 -1.35
N ALA A 159 8.81 -9.64 -1.11
CA ALA A 159 9.42 -8.32 -1.00
C ALA A 159 10.40 -8.27 0.17
N MET A 160 10.03 -8.86 1.31
CA MET A 160 10.91 -8.86 2.46
C MET A 160 12.20 -9.62 2.16
N ASP A 161 12.08 -10.79 1.53
CA ASP A 161 13.28 -11.58 1.22
C ASP A 161 14.24 -10.80 0.34
N ILE A 162 13.73 -10.13 -0.70
CA ILE A 162 14.59 -9.33 -1.56
C ILE A 162 15.17 -8.15 -0.79
N SER A 163 14.35 -7.48 0.02
CA SER A 163 14.82 -6.28 0.70
C SER A 163 15.93 -6.61 1.70
N LYS A 164 15.81 -7.75 2.37
CA LYS A 164 16.85 -8.10 3.34
C LYS A 164 18.16 -8.48 2.65
N LYS A 165 18.08 -9.02 1.42
CA LYS A 165 19.28 -9.38 0.67
C LYS A 165 19.93 -8.18 0.00
N GLU A 166 19.13 -7.24 -0.50
CA GLU A 166 19.61 -6.24 -1.44
C GLU A 166 19.63 -4.81 -0.93
N MET A 167 19.04 -4.53 0.23
CA MET A 167 18.92 -3.15 0.69
C MET A 167 19.45 -3.01 2.10
N PRO A 168 19.99 -1.84 2.44
CA PRO A 168 20.39 -1.59 3.82
C PRO A 168 19.17 -1.51 4.73
N PRO A 169 19.36 -1.75 6.04
CA PRO A 169 18.21 -1.74 6.95
C PRO A 169 17.53 -0.40 7.08
N THR A 170 18.17 0.71 6.68
CA THR A 170 17.56 2.03 6.75
C THR A 170 16.83 2.43 5.47
N ASN A 171 16.89 1.62 4.44
CA ASN A 171 16.29 2.00 3.16
C ASN A 171 14.80 2.30 3.35
N PRO A 172 14.31 3.48 2.93
CA PRO A 172 12.90 3.83 3.22
C PRO A 172 11.88 2.84 2.69
N ILE A 173 12.09 2.25 1.51
N ILE A 173 12.10 2.29 1.49
CA ILE A 173 11.09 1.29 1.03
CA ILE A 173 11.20 1.29 0.96
C ILE A 173 11.18 -0.02 1.81
C ILE A 173 11.20 0.05 1.85
N ARG A 174 12.38 -0.41 2.25
CA ARG A 174 12.48 -1.57 3.14
C ARG A 174 11.75 -1.30 4.46
N LEU A 175 11.88 -0.08 5.00
CA LEU A 175 11.22 0.25 6.26
C LEU A 175 9.71 0.33 6.10
N GLY A 176 9.25 0.99 5.03
CA GLY A 176 7.81 1.06 4.80
C GLY A 176 7.20 -0.31 4.55
N LEU A 177 7.93 -1.18 3.85
CA LEU A 177 7.45 -2.54 3.64
C LEU A 177 7.31 -3.27 4.96
N ALA A 178 8.34 -3.19 5.81
CA ALA A 178 8.27 -3.89 7.09
C ALA A 178 7.15 -3.33 7.96
N LEU A 179 6.99 -2.01 7.96
CA LEU A 179 5.86 -1.39 8.66
C LEU A 179 4.53 -1.99 8.21
N ASN A 180 4.30 -2.04 6.90
CA ASN A 180 3.02 -2.51 6.40
C ASN A 180 2.84 -4.01 6.60
N PHE A 181 3.92 -4.78 6.47
CA PHE A 181 3.80 -6.22 6.75
C PHE A 181 3.48 -6.44 8.22
N SER A 182 4.01 -5.59 9.10
CA SER A 182 3.68 -5.72 10.51
C SER A 182 2.22 -5.39 10.77
N VAL A 183 1.69 -4.37 10.07
CA VAL A 183 0.26 -4.07 10.18
C VAL A 183 -0.56 -5.24 9.65
N PHE A 184 -0.12 -5.85 8.53
CA PHE A 184 -0.78 -7.06 8.06
C PHE A 184 -0.83 -8.14 9.14
N HIS A 185 0.30 -8.40 9.80
CA HIS A 185 0.31 -9.42 10.85
C HIS A 185 -0.68 -9.07 11.97
N TYR A 186 -0.71 -7.80 12.37
CA TYR A 186 -1.53 -7.41 13.53
C TYR A 186 -3.02 -7.39 13.19
N GLU A 187 -3.36 -6.79 12.05
CA GLU A 187 -4.74 -6.48 11.71
C GLU A 187 -5.44 -7.57 10.91
N ILE A 188 -4.71 -8.30 10.08
CA ILE A 188 -5.29 -9.23 9.11
C ILE A 188 -5.05 -10.67 9.51
N ALA A 189 -3.81 -11.01 9.86
CA ALA A 189 -3.42 -12.39 10.13
C ALA A 189 -3.62 -12.80 11.58
N ASN A 190 -4.11 -11.91 12.43
CA ASN A 190 -4.33 -12.22 13.85
C ASN A 190 -3.05 -12.74 14.49
N SER A 191 -1.92 -12.12 14.14
CA SER A 191 -0.60 -12.52 14.64
C SER A 191 0.07 -11.32 15.30
N PRO A 192 -0.48 -10.83 16.41
CA PRO A 192 0.12 -9.63 17.02
C PRO A 192 1.55 -9.83 17.50
N GLU A 193 1.92 -11.03 17.94
CA GLU A 193 3.30 -11.23 18.35
C GLU A 193 4.26 -11.12 17.17
N GLU A 194 3.87 -11.67 16.02
CA GLU A 194 4.69 -11.50 14.81
C GLU A 194 4.78 -10.04 14.43
N ALA A 195 3.66 -9.31 14.51
CA ALA A 195 3.65 -7.88 14.20
C ALA A 195 4.63 -7.12 15.08
N ILE A 196 4.60 -7.38 16.39
CA ILE A 196 5.46 -6.66 17.33
C ILE A 196 6.92 -7.03 17.11
N SER A 197 7.21 -8.33 16.94
N SER A 197 7.21 -8.33 16.94
CA SER A 197 8.58 -8.77 16.71
CA SER A 197 8.57 -8.78 16.71
C SER A 197 9.15 -8.14 15.45
C SER A 197 9.15 -8.16 15.44
N LEU A 198 8.37 -8.13 14.37
CA LEU A 198 8.86 -7.54 13.12
C LEU A 198 9.15 -6.05 13.29
N ALA A 199 8.23 -5.32 13.94
CA ALA A 199 8.42 -3.88 14.09
C ALA A 199 9.64 -3.57 14.95
N LYS A 200 9.84 -4.33 16.03
CA LYS A 200 11.00 -4.12 16.91
C LYS A 200 12.30 -4.42 16.19
N THR A 201 12.39 -5.59 15.55
CA THR A 201 13.62 -5.96 14.86
C THR A 201 13.93 -4.99 13.74
N THR A 202 12.91 -4.55 13.00
CA THR A 202 13.12 -3.56 11.95
C THR A 202 13.64 -2.25 12.52
N PHE A 203 13.03 -1.79 13.61
CA PHE A 203 13.46 -0.52 14.22
C PHE A 203 14.89 -0.62 14.72
N ASP A 204 15.22 -1.68 15.45
CA ASP A 204 16.54 -1.81 16.04
C ASP A 204 17.62 -1.93 14.96
N GLU A 205 17.36 -2.68 13.90
CA GLU A 205 18.38 -2.83 12.87
C GLU A 205 18.56 -1.53 12.08
N ALA A 206 17.49 -0.77 11.89
CA ALA A 206 17.65 0.55 11.28
C ALA A 206 18.42 1.49 12.18
N MET A 207 18.08 1.51 13.48
CA MET A 207 18.80 2.36 14.42
C MET A 207 20.30 2.17 14.32
N ALA A 208 20.75 0.91 14.20
CA ALA A 208 22.19 0.61 14.18
C ALA A 208 22.86 0.95 12.86
N ASP A 209 22.09 1.30 11.82
CA ASP A 209 22.62 1.67 10.51
C ASP A 209 22.52 3.18 10.25
N LEU A 210 21.92 3.94 11.16
CA LEU A 210 21.75 5.38 10.91
C LEU A 210 23.08 6.10 10.78
N HIS A 211 24.12 5.61 11.42
CA HIS A 211 25.40 6.30 11.41
C HIS A 211 26.01 6.39 10.01
N THR A 212 25.54 5.57 9.08
CA THR A 212 26.07 5.54 7.72
C THR A 212 25.46 6.60 6.81
N LEU A 213 24.44 7.30 7.26
CA LEU A 213 23.58 8.11 6.41
C LEU A 213 23.95 9.59 6.44
N SER A 214 23.67 10.26 5.32
CA SER A 214 23.65 11.72 5.24
C SER A 214 22.51 12.28 6.09
N GLU A 215 22.54 13.60 6.29
CA GLU A 215 21.49 14.25 7.06
C GLU A 215 20.12 14.04 6.41
N ASP A 216 20.05 14.14 5.08
CA ASP A 216 18.76 14.00 4.41
C ASP A 216 18.27 12.56 4.45
N SER A 217 19.16 11.59 4.25
CA SER A 217 18.76 10.18 4.35
C SER A 217 18.35 9.84 5.78
N TYR A 218 19.09 10.38 6.76
CA TYR A 218 18.74 10.19 8.16
C TYR A 218 17.31 10.67 8.43
N LYS A 219 16.93 11.83 7.89
CA LYS A 219 15.57 12.32 8.11
C LYS A 219 14.54 11.39 7.46
N ASP A 220 14.82 10.92 6.24
CA ASP A 220 13.90 9.98 5.57
C ASP A 220 13.69 8.73 6.42
N SER A 221 14.79 8.13 6.91
CA SER A 221 14.69 6.86 7.62
C SER A 221 14.06 7.04 9.00
N THR A 222 14.45 8.08 9.74
CA THR A 222 13.90 8.24 11.08
C THR A 222 12.42 8.56 11.04
N LEU A 223 11.94 9.20 9.98
CA LEU A 223 10.50 9.47 9.86
C LEU A 223 9.70 8.17 9.87
N ILE A 224 10.18 7.16 9.14
CA ILE A 224 9.44 5.90 9.07
C ILE A 224 9.68 5.07 10.32
N MET A 225 10.88 5.16 10.91
CA MET A 225 11.11 4.50 12.19
C MET A 225 10.13 4.99 13.26
N GLN A 226 9.77 6.27 13.20
CA GLN A 226 8.80 6.79 14.17
C GLN A 226 7.44 6.14 14.01
N LEU A 227 7.05 5.81 12.77
CA LEU A 227 5.78 5.09 12.60
C LEU A 227 5.85 3.69 13.20
N LEU A 228 6.98 3.01 13.03
CA LEU A 228 7.18 1.73 13.72
C LEU A 228 7.06 1.91 15.22
N ARG A 229 7.69 2.96 15.76
CA ARG A 229 7.63 3.19 17.20
C ARG A 229 6.20 3.48 17.64
N ASP A 230 5.46 4.28 16.87
CA ASP A 230 4.08 4.58 17.23
C ASP A 230 3.25 3.31 17.33
N ASN A 231 3.46 2.37 16.39
CA ASN A 231 2.73 1.11 16.45
C ASN A 231 3.14 0.29 17.67
N LEU A 232 4.45 0.22 17.94
CA LEU A 232 4.89 -0.53 19.12
C LEU A 232 4.30 0.05 20.39
N THR A 233 4.16 1.38 20.45
CA THR A 233 3.56 2.02 21.62
C THR A 233 2.07 1.70 21.72
N LEU A 234 1.40 1.62 20.57
CA LEU A 234 -0.01 1.24 20.57
C LEU A 234 -0.21 -0.21 20.95
N TRP A 235 0.73 -1.09 20.59
CA TRP A 235 0.54 -2.53 20.72
C TRP A 235 1.12 -3.11 22.01
N THR A 236 1.92 -2.36 22.75
CA THR A 236 2.56 -2.91 23.95
C THR A 236 2.31 -2.04 25.17
N ARG B 9 -6.57 1.06 13.35
CA ARG B 9 -5.97 1.99 14.31
C ARG B 9 -4.43 2.13 14.29
N PRO B 10 -3.65 1.13 13.86
CA PRO B 10 -2.21 1.34 13.75
C PRO B 10 -1.85 2.00 12.43
N SER B 11 -0.63 2.56 12.39
CA SER B 11 -0.21 3.32 11.24
C SER B 11 0.46 2.42 10.20
N TRP B 13 2.29 2.76 6.27
CA TRP B 13 3.14 3.82 5.78
C TRP B 13 2.26 4.95 5.25
N ARG B 14 2.67 6.18 5.53
CA ARG B 14 1.97 7.35 5.03
C ARG B 14 2.98 8.45 4.79
N GLN B 15 2.64 9.35 3.87
CA GLN B 15 3.53 10.46 3.51
C GLN B 15 3.76 11.40 4.69
#